data_2BGS
#
_entry.id   2BGS
#
_cell.length_a   57.620
_cell.length_b   61.609
_cell.length_c   88.485
_cell.angle_alpha   90.00
_cell.angle_beta   90.00
_cell.angle_gamma   90.00
#
_symmetry.space_group_name_H-M   'P 21 21 21'
#
loop_
_entity.id
_entity.type
_entity.pdbx_description
1 polymer 'ALDOSE REDUCTASE'
2 non-polymer 'NADPH DIHYDRO-NICOTINAMIDE-ADENINE-DINUCLEOTIDE PHOSPHATE'
3 non-polymer 'BICARBONATE ION'
4 non-polymer 'SULFATE ION'
5 water water
#
_entity_poly.entity_id   1
_entity_poly.type   'polypeptide(L)'
_entity_poly.pdbx_seq_one_letter_code
;MGHHHHHHHHHSSGHIDDDDKHMLEASAKATMGQGEQDHFVLKSGHAMPAVGLGTWRAGSDTAHSVRTAITEAGYRHVDT
AAEYGVEKEVGKGLKAAMEAGIDRKDLFVTSKIWCTNLAPERVRPALENTLKDLQLDYIDLYHIHWPFRLKDGAHMPPEA
GEVLEFDMEGVWKEMENLVKDGLVKDIGVCNYTVTKLNRLLRSAKIPPAVCQMEMHPGWKNDKIFEACKKHGIHITAYSP
LGSSEKNLAHDPVVEKVANKLNKTPGQVLIKWALQRGTSVIPKSSKDERIKENIQVFGWEIPEEDFKVLCSIKDEKRVLT
GEELFVNKTHGPYRSARDVWDHEN
;
_entity_poly.pdbx_strand_id   A
#
loop_
_chem_comp.id
_chem_comp.type
_chem_comp.name
_chem_comp.formula
BCT non-polymer 'BICARBONATE ION' 'C H O3 -1'
NDP non-polymer 'NADPH DIHYDRO-NICOTINAMIDE-ADENINE-DINUCLEOTIDE PHOSPHATE' 'C21 H30 N7 O17 P3'
SO4 non-polymer 'SULFATE ION' 'O4 S -2'
#
# COMPACT_ATOMS: atom_id res chain seq x y z
N GLN A 37 -3.42 9.97 16.07
CA GLN A 37 -1.98 9.64 16.25
C GLN A 37 -1.20 9.81 14.96
N ASP A 38 0.01 10.34 15.06
CA ASP A 38 0.81 10.53 13.88
C ASP A 38 1.62 9.25 13.53
N HIS A 39 1.48 8.19 14.32
CA HIS A 39 2.20 6.94 14.01
C HIS A 39 1.48 5.76 14.63
N PHE A 40 1.77 4.58 14.11
CA PHE A 40 1.19 3.35 14.59
C PHE A 40 2.33 2.45 15.03
N VAL A 41 2.09 1.64 16.06
CA VAL A 41 3.12 0.72 16.53
C VAL A 41 2.74 -0.69 16.04
N LEU A 42 3.62 -1.31 15.27
CA LEU A 42 3.35 -2.63 14.73
C LEU A 42 3.61 -3.66 15.82
N LYS A 43 3.18 -4.91 15.60
CA LYS A 43 3.37 -5.96 16.58
C LYS A 43 4.80 -6.18 17.00
N SER A 44 5.71 -6.00 16.05
CA SER A 44 7.14 -6.13 16.30
C SER A 44 7.66 -5.03 17.23
N GLY A 45 6.87 -3.98 17.42
CA GLY A 45 7.30 -2.88 18.27
C GLY A 45 7.84 -1.72 17.45
N HIS A 46 8.02 -1.91 16.15
CA HIS A 46 8.52 -0.85 15.26
C HIS A 46 7.41 0.15 14.98
N ALA A 47 7.75 1.44 15.00
CA ALA A 47 6.77 2.50 14.73
C ALA A 47 6.66 2.78 13.21
N MET A 48 5.44 3.03 12.75
CA MET A 48 5.19 3.33 11.34
C MET A 48 4.42 4.66 11.25
N PRO A 49 4.97 5.65 10.54
CA PRO A 49 4.29 6.95 10.41
C PRO A 49 2.93 6.77 9.73
N ALA A 50 1.92 7.46 10.24
CA ALA A 50 0.55 7.33 9.73
C ALA A 50 0.35 7.74 8.30
N VAL A 51 1.05 8.79 7.86
CA VAL A 51 0.94 9.25 6.49
C VAL A 51 2.23 8.98 5.71
N GLY A 52 2.09 8.40 4.51
CA GLY A 52 3.25 8.13 3.67
C GLY A 52 3.02 8.66 2.26
N LEU A 53 4.11 8.75 1.50
CA LEU A 53 4.00 9.22 0.13
C LEU A 53 3.89 8.04 -0.82
N GLY A 54 2.79 7.95 -1.57
CA GLY A 54 2.68 6.91 -2.58
C GLY A 54 3.50 7.30 -3.80
N THR A 55 4.07 6.31 -4.50
CA THR A 55 4.92 6.60 -5.67
C THR A 55 4.49 5.86 -6.94
N TRP A 56 3.36 5.16 -6.90
CA TRP A 56 2.90 4.48 -8.10
C TRP A 56 2.58 5.53 -9.18
N ARG A 57 3.12 5.31 -10.39
CA ARG A 57 2.95 6.22 -11.52
C ARG A 57 3.43 7.64 -11.24
N ALA A 58 4.47 7.74 -10.41
CA ALA A 58 5.07 9.02 -10.00
C ALA A 58 5.78 9.77 -11.13
N GLY A 59 6.20 9.06 -12.16
CA GLY A 59 6.82 9.74 -13.29
C GLY A 59 8.25 10.20 -13.13
N SER A 60 8.66 11.13 -14.00
CA SER A 60 10.02 11.62 -13.98
C SER A 60 10.41 12.47 -12.78
N ASP A 61 9.44 13.03 -12.06
CA ASP A 61 9.78 13.84 -10.92
C ASP A 61 9.86 13.01 -9.64
N THR A 62 9.86 11.69 -9.77
CA THR A 62 9.91 10.83 -8.59
C THR A 62 10.96 11.23 -7.53
N ALA A 63 12.23 11.34 -7.93
CA ALA A 63 13.29 11.67 -6.98
C ALA A 63 13.03 13.01 -6.28
N HIS A 64 12.67 14.00 -7.09
CA HIS A 64 12.38 15.32 -6.55
C HIS A 64 11.23 15.28 -5.54
N SER A 65 10.17 14.56 -5.91
CA SER A 65 9.01 14.44 -5.03
C SER A 65 9.35 13.82 -3.69
N VAL A 66 10.11 12.75 -3.73
CA VAL A 66 10.50 12.09 -2.50
C VAL A 66 11.32 13.03 -1.61
N ARG A 67 12.31 13.72 -2.17
CA ARG A 67 13.13 14.62 -1.35
C ARG A 67 12.32 15.77 -0.75
N THR A 68 11.43 16.34 -1.56
CA THR A 68 10.57 17.44 -1.11
C THR A 68 9.63 16.98 -0.01
N ALA A 69 9.02 15.83 -0.21
CA ALA A 69 8.10 15.27 0.77
C ALA A 69 8.78 15.13 2.10
N ILE A 70 9.97 14.55 2.09
CA ILE A 70 10.68 14.31 3.34
C ILE A 70 11.23 15.57 3.97
N THR A 71 11.95 16.35 3.19
CA THR A 71 12.53 17.56 3.80
C THR A 71 11.52 18.67 4.06
N GLU A 72 10.95 19.22 3.02
CA GLU A 72 10.00 20.32 3.18
C GLU A 72 8.69 19.97 3.87
N ALA A 73 8.09 18.85 3.47
CA ALA A 73 6.78 18.49 4.04
C ALA A 73 6.77 17.61 5.29
N GLY A 74 7.93 17.10 5.72
CA GLY A 74 8.00 16.31 6.94
C GLY A 74 7.60 14.86 6.84
N TYR A 75 7.36 14.36 5.64
CA TYR A 75 6.98 12.94 5.52
C TYR A 75 8.13 12.07 6.04
N ARG A 76 7.81 10.95 6.66
CA ARG A 76 8.85 10.04 7.14
C ARG A 76 8.51 8.62 6.69
N HIS A 77 7.68 8.50 5.66
CA HIS A 77 7.22 7.20 5.18
C HIS A 77 7.07 7.31 3.66
N VAL A 78 7.66 6.37 2.93
CA VAL A 78 7.55 6.36 1.46
C VAL A 78 7.09 4.96 1.06
N ASP A 79 6.10 4.87 0.17
CA ASP A 79 5.60 3.55 -0.26
C ASP A 79 5.92 3.33 -1.72
N THR A 80 6.63 2.24 -2.04
CA THR A 80 6.94 2.00 -3.45
C THR A 80 6.85 0.49 -3.73
N ALA A 81 7.27 0.05 -4.92
CA ALA A 81 7.17 -1.35 -5.30
C ALA A 81 8.05 -1.54 -6.52
N ALA A 82 8.61 -2.73 -6.63
CA ALA A 82 9.47 -3.02 -7.78
C ALA A 82 8.71 -2.85 -9.09
N GLU A 83 7.45 -3.27 -9.13
CA GLU A 83 6.69 -3.22 -10.39
C GLU A 83 6.35 -1.81 -10.87
N TYR A 84 6.41 -0.82 -9.97
CA TYR A 84 6.14 0.57 -10.35
C TYR A 84 7.24 1.11 -11.27
N GLY A 85 8.39 0.45 -11.26
CA GLY A 85 9.48 0.88 -12.12
C GLY A 85 10.13 2.20 -11.78
N VAL A 86 9.93 2.64 -10.55
CA VAL A 86 10.51 3.90 -10.12
C VAL A 86 11.44 3.76 -8.91
N GLU A 87 11.77 2.53 -8.48
CA GLU A 87 12.58 2.42 -7.28
C GLU A 87 13.98 3.05 -7.40
N LYS A 88 14.58 3.02 -8.59
CA LYS A 88 15.91 3.69 -8.70
C LYS A 88 15.74 5.17 -8.41
N GLU A 89 14.68 5.80 -8.94
CA GLU A 89 14.49 7.22 -8.66
C GLU A 89 14.12 7.48 -7.19
N VAL A 90 13.33 6.58 -6.59
CA VAL A 90 12.97 6.74 -5.18
C VAL A 90 14.26 6.66 -4.38
N GLY A 91 15.18 5.74 -4.76
CA GLY A 91 16.44 5.62 -4.05
C GLY A 91 17.23 6.94 -4.09
N LYS A 92 17.24 7.60 -5.24
CA LYS A 92 17.95 8.87 -5.39
C LYS A 92 17.35 9.92 -4.46
N GLY A 93 16.03 9.93 -4.40
CA GLY A 93 15.35 10.87 -3.52
C GLY A 93 15.63 10.58 -2.06
N LEU A 94 15.64 9.31 -1.68
CA LEU A 94 15.88 8.95 -0.28
C LEU A 94 17.33 9.31 0.07
N LYS A 95 18.23 9.09 -0.88
CA LYS A 95 19.65 9.38 -0.66
C LYS A 95 19.83 10.88 -0.41
N ALA A 96 19.18 11.67 -1.25
CA ALA A 96 19.27 13.12 -1.13
C ALA A 96 18.71 13.61 0.20
N ALA A 97 17.63 12.99 0.67
CA ALA A 97 17.00 13.34 1.94
C ALA A 97 17.94 12.97 3.09
N MET A 98 18.59 11.81 2.99
CA MET A 98 19.55 11.43 4.03
C MET A 98 20.78 12.38 3.99
N GLU A 99 21.21 12.77 2.79
CA GLU A 99 22.34 13.69 2.67
C GLU A 99 21.94 15.05 3.23
N ALA A 100 20.64 15.33 3.27
CA ALA A 100 20.10 16.58 3.81
C ALA A 100 20.00 16.55 5.34
N GLY A 101 20.33 15.42 5.95
CA GLY A 101 20.29 15.34 7.40
C GLY A 101 19.29 14.41 8.04
N ILE A 102 18.43 13.80 7.24
CA ILE A 102 17.46 12.90 7.80
C ILE A 102 18.19 11.57 8.05
N ASP A 103 18.03 11.01 9.24
CA ASP A 103 18.69 9.75 9.58
C ASP A 103 17.85 8.59 9.07
N ARG A 104 18.52 7.55 8.59
CA ARG A 104 17.84 6.36 8.07
C ARG A 104 16.86 5.78 9.09
N LYS A 105 17.24 5.76 10.37
CA LYS A 105 16.38 5.18 11.39
C LYS A 105 15.05 5.91 11.55
N ASP A 106 14.98 7.14 11.07
CA ASP A 106 13.74 7.90 11.20
C ASP A 106 12.83 7.82 9.98
N LEU A 107 13.30 7.13 8.96
CA LEU A 107 12.53 6.97 7.72
C LEU A 107 11.94 5.57 7.66
N PHE A 108 10.73 5.47 7.09
CA PHE A 108 10.07 4.19 6.97
C PHE A 108 9.87 3.93 5.48
N VAL A 109 10.53 2.91 4.93
CA VAL A 109 10.44 2.63 3.47
C VAL A 109 9.75 1.29 3.25
N THR A 110 8.72 1.30 2.42
CA THR A 110 7.99 0.07 2.10
C THR A 110 8.20 -0.29 0.64
N SER A 111 8.40 -1.57 0.37
CA SER A 111 8.43 -1.98 -1.03
C SER A 111 7.61 -3.27 -1.10
N LYS A 112 7.53 -3.87 -2.30
CA LYS A 112 6.69 -5.05 -2.50
C LYS A 112 7.31 -5.96 -3.51
N ILE A 113 7.12 -7.26 -3.29
CA ILE A 113 7.68 -8.26 -4.20
C ILE A 113 6.61 -8.60 -5.23
N TRP A 114 7.01 -8.54 -6.51
CA TRP A 114 6.08 -8.76 -7.60
C TRP A 114 5.74 -10.22 -7.84
N CYS A 115 4.56 -10.43 -8.42
CA CYS A 115 4.01 -11.77 -8.73
C CYS A 115 4.95 -12.72 -9.41
N THR A 116 5.77 -12.21 -10.33
CA THR A 116 6.67 -13.12 -11.03
C THR A 116 7.73 -13.70 -10.10
N ASN A 117 7.94 -13.07 -8.94
CA ASN A 117 8.96 -13.58 -8.04
C ASN A 117 8.37 -14.32 -6.85
N LEU A 118 7.08 -14.65 -6.92
CA LEU A 118 6.45 -15.34 -5.81
C LEU A 118 6.64 -16.84 -5.90
N ALA A 119 7.91 -17.24 -5.78
CA ALA A 119 8.35 -18.65 -5.75
C ALA A 119 9.45 -18.60 -4.67
N PRO A 120 9.52 -19.61 -3.78
CA PRO A 120 10.55 -19.56 -2.73
C PRO A 120 11.96 -19.12 -3.12
N GLU A 121 12.54 -19.73 -4.14
CA GLU A 121 13.89 -19.37 -4.58
C GLU A 121 14.04 -17.98 -5.17
N ARG A 122 12.93 -17.32 -5.47
CA ARG A 122 13.03 -15.98 -6.08
C ARG A 122 12.84 -14.83 -5.12
N VAL A 123 12.50 -15.12 -3.87
CA VAL A 123 12.24 -14.05 -2.90
C VAL A 123 13.47 -13.21 -2.55
N ARG A 124 14.54 -13.87 -2.14
CA ARG A 124 15.75 -13.15 -1.78
C ARG A 124 16.32 -12.33 -2.94
N PRO A 125 16.44 -12.92 -4.15
CA PRO A 125 16.98 -12.12 -5.26
C PRO A 125 16.11 -10.89 -5.54
N ALA A 126 14.79 -11.04 -5.44
CA ALA A 126 13.92 -9.89 -5.72
C ALA A 126 14.16 -8.79 -4.70
N LEU A 127 14.25 -9.17 -3.43
CA LEU A 127 14.49 -8.16 -2.37
C LEU A 127 15.88 -7.52 -2.55
N GLU A 128 16.93 -8.30 -2.82
CA GLU A 128 18.26 -7.68 -2.98
C GLU A 128 18.28 -6.67 -4.15
N ASN A 129 17.56 -6.99 -5.22
CA ASN A 129 17.49 -6.08 -6.37
C ASN A 129 16.81 -4.76 -5.93
N THR A 130 15.74 -4.89 -5.15
CA THR A 130 15.02 -3.74 -4.65
C THR A 130 15.92 -2.89 -3.72
N LEU A 131 16.71 -3.53 -2.87
CA LEU A 131 17.58 -2.74 -1.98
C LEU A 131 18.64 -2.02 -2.81
N LYS A 132 19.10 -2.68 -3.85
CA LYS A 132 20.11 -2.06 -4.71
C LYS A 132 19.51 -0.78 -5.34
N ASP A 133 18.34 -0.92 -5.96
CA ASP A 133 17.71 0.25 -6.58
C ASP A 133 17.41 1.37 -5.60
N LEU A 134 16.94 1.01 -4.40
CA LEU A 134 16.61 2.00 -3.37
C LEU A 134 17.85 2.58 -2.64
N GLN A 135 19.01 1.96 -2.83
CA GLN A 135 20.27 2.37 -2.19
C GLN A 135 20.18 2.27 -0.67
N LEU A 136 19.64 1.15 -0.19
CA LEU A 136 19.46 0.94 1.23
C LEU A 136 20.04 -0.38 1.66
N ASP A 137 20.32 -0.49 2.95
CA ASP A 137 20.84 -1.75 3.50
C ASP A 137 19.66 -2.62 3.95
N TYR A 138 18.52 -2.00 4.23
CA TYR A 138 17.32 -2.75 4.62
C TYR A 138 16.10 -1.89 4.32
N ILE A 139 14.91 -2.52 4.29
CA ILE A 139 13.69 -1.73 4.14
C ILE A 139 12.86 -2.01 5.36
N ASP A 140 11.95 -1.11 5.68
CA ASP A 140 11.14 -1.28 6.89
C ASP A 140 9.97 -2.24 6.73
N LEU A 141 9.44 -2.31 5.52
CA LEU A 141 8.30 -3.17 5.28
C LEU A 141 8.36 -3.72 3.89
N TYR A 142 8.17 -5.03 3.76
CA TYR A 142 8.19 -5.69 2.45
C TYR A 142 6.89 -6.50 2.34
N HIS A 143 6.09 -6.15 1.35
CA HIS A 143 4.80 -6.78 1.13
C HIS A 143 4.73 -7.73 -0.04
N ILE A 144 3.87 -8.74 0.11
CA ILE A 144 3.47 -9.61 -1.01
C ILE A 144 2.58 -8.58 -1.78
N HIS A 145 2.92 -8.24 -3.03
CA HIS A 145 2.14 -7.22 -3.76
C HIS A 145 0.74 -7.74 -4.10
N TRP A 146 0.66 -8.96 -4.61
CA TRP A 146 -0.64 -9.62 -4.88
C TRP A 146 -0.41 -11.11 -4.56
N PRO A 147 -1.39 -11.79 -3.97
CA PRO A 147 -1.25 -13.20 -3.63
C PRO A 147 -1.48 -14.15 -4.81
N PHE A 148 -0.80 -13.90 -5.92
CA PHE A 148 -0.92 -14.72 -7.13
C PHE A 148 0.44 -14.79 -7.78
N ARG A 149 0.83 -15.97 -8.24
CA ARG A 149 2.13 -16.07 -8.90
C ARG A 149 1.90 -15.92 -10.41
N LEU A 150 2.79 -15.19 -11.09
CA LEU A 150 2.69 -15.05 -12.54
C LEU A 150 3.94 -15.66 -13.19
N LYS A 151 3.76 -16.26 -14.35
CA LYS A 151 4.88 -16.82 -15.06
C LYS A 151 5.76 -15.66 -15.57
N ASP A 152 7.05 -15.90 -15.73
CA ASP A 152 7.90 -14.84 -16.27
C ASP A 152 7.35 -14.46 -17.63
N GLY A 153 7.38 -13.17 -17.95
CA GLY A 153 6.88 -12.73 -19.24
C GLY A 153 5.37 -12.77 -19.39
N ALA A 154 4.66 -12.90 -18.27
CA ALA A 154 3.22 -12.93 -18.33
C ALA A 154 2.74 -11.61 -18.93
N HIS A 155 1.62 -11.66 -19.63
CA HIS A 155 1.02 -10.49 -20.25
C HIS A 155 -0.21 -9.97 -19.47
N MET A 156 -0.64 -8.76 -19.83
CA MET A 156 -1.83 -8.15 -19.26
C MET A 156 -2.77 -7.89 -20.43
N PRO A 157 -3.91 -8.58 -20.47
CA PRO A 157 -4.42 -9.60 -19.54
C PRO A 157 -3.65 -10.89 -19.77
N PRO A 158 -3.64 -11.77 -18.77
CA PRO A 158 -2.89 -13.02 -18.90
C PRO A 158 -3.42 -14.05 -19.88
N GLU A 159 -2.47 -14.72 -20.52
CA GLU A 159 -2.73 -15.79 -21.46
C GLU A 159 -2.92 -17.09 -20.69
N ALA A 160 -3.34 -18.13 -21.41
CA ALA A 160 -3.54 -19.44 -20.79
C ALA A 160 -2.22 -19.89 -20.20
N GLY A 161 -2.26 -20.45 -19.01
CA GLY A 161 -1.04 -20.95 -18.40
C GLY A 161 -0.16 -19.96 -17.67
N GLU A 162 -0.44 -18.67 -17.81
CA GLU A 162 0.39 -17.65 -17.20
C GLU A 162 0.15 -17.35 -15.72
N VAL A 163 -1.04 -17.65 -15.21
CA VAL A 163 -1.32 -17.41 -13.79
C VAL A 163 -1.09 -18.76 -13.11
N LEU A 164 -0.09 -18.77 -12.23
CA LEU A 164 0.35 -19.97 -11.54
C LEU A 164 -0.16 -20.06 -10.09
N GLU A 165 0.08 -21.20 -9.46
CA GLU A 165 -0.37 -21.40 -8.09
C GLU A 165 0.59 -20.68 -7.16
N PHE A 166 0.03 -19.99 -6.18
CA PHE A 166 0.83 -19.29 -5.17
C PHE A 166 1.09 -20.23 -3.96
N ASP A 167 2.34 -20.63 -3.76
CA ASP A 167 2.73 -21.47 -2.61
C ASP A 167 2.89 -20.47 -1.48
N MET A 168 1.78 -20.07 -0.91
CA MET A 168 1.80 -19.05 0.13
C MET A 168 2.74 -19.38 1.29
N GLU A 169 2.65 -20.62 1.79
CA GLU A 169 3.47 -21.03 2.90
C GLU A 169 4.96 -21.02 2.62
N GLY A 170 5.35 -21.53 1.45
CA GLY A 170 6.76 -21.59 1.09
C GLY A 170 7.36 -20.23 0.82
N VAL A 171 6.59 -19.38 0.14
CA VAL A 171 7.06 -18.02 -0.15
C VAL A 171 7.14 -17.23 1.14
N TRP A 172 6.14 -17.38 2.01
CA TRP A 172 6.17 -16.62 3.26
C TRP A 172 7.34 -17.00 4.13
N LYS A 173 7.71 -18.27 4.11
CA LYS A 173 8.86 -18.72 4.87
C LYS A 173 10.11 -17.96 4.42
N GLU A 174 10.26 -17.72 3.10
CA GLU A 174 11.44 -16.97 2.64
C GLU A 174 11.31 -15.47 2.98
N MET A 175 10.09 -14.96 3.05
CA MET A 175 9.90 -13.59 3.47
C MET A 175 10.39 -13.49 4.93
N GLU A 176 10.09 -14.50 5.74
CA GLU A 176 10.51 -14.48 7.15
C GLU A 176 12.01 -14.52 7.22
N ASN A 177 12.64 -15.25 6.31
CA ASN A 177 14.10 -15.29 6.35
C ASN A 177 14.71 -13.93 6.06
N LEU A 178 14.00 -13.07 5.32
CA LEU A 178 14.51 -11.71 5.08
C LEU A 178 14.61 -10.93 6.40
N VAL A 179 13.66 -11.16 7.30
CA VAL A 179 13.64 -10.48 8.60
C VAL A 179 14.78 -11.04 9.46
N LYS A 180 14.91 -12.37 9.44
CA LYS A 180 15.94 -13.04 10.20
C LYS A 180 17.33 -12.52 9.82
N ASP A 181 17.49 -12.22 8.53
CA ASP A 181 18.77 -11.73 8.06
C ASP A 181 18.87 -10.21 8.06
N GLY A 182 17.94 -9.55 8.74
CA GLY A 182 18.01 -8.11 8.87
C GLY A 182 17.90 -7.26 7.61
N LEU A 183 17.41 -7.86 6.53
CA LEU A 183 17.24 -7.11 5.27
C LEU A 183 15.89 -6.37 5.25
N VAL A 184 14.95 -6.84 6.06
CA VAL A 184 13.61 -6.25 6.15
C VAL A 184 13.24 -6.20 7.63
N LYS A 185 12.65 -5.10 8.10
CA LYS A 185 12.28 -5.02 9.52
C LYS A 185 10.95 -5.69 9.81
N ASP A 186 10.03 -5.63 8.85
CA ASP A 186 8.69 -6.23 9.01
C ASP A 186 8.19 -6.65 7.63
N ILE A 187 7.31 -7.65 7.61
CA ILE A 187 6.74 -8.17 6.36
C ILE A 187 5.24 -8.08 6.38
N GLY A 188 4.63 -7.92 5.21
CA GLY A 188 3.19 -7.77 5.21
C GLY A 188 2.61 -8.26 3.91
N VAL A 189 1.31 -8.03 3.76
CA VAL A 189 0.64 -8.44 2.52
C VAL A 189 -0.28 -7.35 2.01
N CYS A 190 -0.55 -7.38 0.70
CA CYS A 190 -1.47 -6.44 0.09
C CYS A 190 -2.47 -7.28 -0.63
N ASN A 191 -3.67 -6.72 -0.82
CA ASN A 191 -4.69 -7.37 -1.65
C ASN A 191 -5.08 -8.76 -1.23
N TYR A 192 -5.26 -8.91 0.07
CA TYR A 192 -5.68 -10.20 0.63
C TYR A 192 -7.18 -10.28 0.82
N THR A 193 -7.63 -11.48 1.19
CA THR A 193 -9.01 -11.76 1.52
C THR A 193 -8.95 -12.44 2.89
N VAL A 194 -10.11 -12.56 3.53
CA VAL A 194 -10.14 -13.21 4.84
C VAL A 194 -9.71 -14.65 4.73
N THR A 195 -10.16 -15.36 3.68
CA THR A 195 -9.78 -16.75 3.56
C THR A 195 -8.27 -16.91 3.40
N LYS A 196 -7.68 -16.03 2.60
CA LYS A 196 -6.24 -16.11 2.39
C LYS A 196 -5.53 -15.71 3.68
N LEU A 197 -6.10 -14.77 4.44
CA LEU A 197 -5.46 -14.32 5.67
C LEU A 197 -5.45 -15.43 6.69
N ASN A 198 -6.57 -16.16 6.81
CA ASN A 198 -6.62 -17.25 7.80
C ASN A 198 -5.62 -18.34 7.42
N ARG A 199 -5.51 -18.61 6.13
CA ARG A 199 -4.54 -19.61 5.68
C ARG A 199 -3.12 -19.17 6.09
N LEU A 200 -2.79 -17.91 5.84
CA LEU A 200 -1.46 -17.41 6.19
C LEU A 200 -1.19 -17.51 7.69
N LEU A 201 -2.17 -17.13 8.50
CA LEU A 201 -1.99 -17.15 9.94
C LEU A 201 -1.82 -18.54 10.55
N ARG A 202 -2.31 -19.57 9.88
CA ARG A 202 -2.12 -20.93 10.40
C ARG A 202 -0.67 -21.36 10.21
N SER A 203 0.01 -20.77 9.23
CA SER A 203 1.38 -21.15 8.92
C SER A 203 2.49 -20.21 9.39
N ALA A 204 2.25 -18.92 9.28
CA ALA A 204 3.26 -17.95 9.62
C ALA A 204 3.90 -18.05 11.01
N LYS A 205 5.23 -17.97 11.03
CA LYS A 205 5.96 -17.94 12.29
C LYS A 205 6.05 -16.45 12.68
N ILE A 206 6.13 -15.57 11.67
CA ILE A 206 6.09 -14.12 11.89
C ILE A 206 4.81 -13.68 11.17
N PRO A 207 3.80 -13.20 11.89
CA PRO A 207 2.57 -12.78 11.22
C PRO A 207 2.77 -11.51 10.43
N PRO A 208 1.92 -11.30 9.41
CA PRO A 208 2.07 -10.06 8.64
C PRO A 208 1.89 -8.86 9.59
N ALA A 209 2.79 -7.89 9.48
CA ALA A 209 2.75 -6.70 10.33
C ALA A 209 1.66 -5.74 9.89
N VAL A 210 1.44 -5.70 8.57
CA VAL A 210 0.53 -4.75 7.94
C VAL A 210 -0.19 -5.41 6.79
N CYS A 211 -1.44 -5.04 6.58
CA CYS A 211 -2.22 -5.50 5.43
C CYS A 211 -2.56 -4.21 4.69
N GLN A 212 -2.09 -4.07 3.45
CA GLN A 212 -2.35 -2.84 2.69
C GLN A 212 -3.44 -3.17 1.67
N MET A 213 -4.50 -2.38 1.70
CA MET A 213 -5.68 -2.61 0.89
C MET A 213 -6.27 -1.32 0.33
N GLU A 214 -6.95 -1.43 -0.79
CA GLU A 214 -7.59 -0.26 -1.37
C GLU A 214 -8.69 0.18 -0.39
N MET A 215 -8.67 1.44 0.05
CA MET A 215 -9.73 1.87 0.95
C MET A 215 -9.99 3.33 0.77
N HIS A 216 -11.26 3.70 0.66
CA HIS A 216 -11.66 5.11 0.51
C HIS A 216 -13.17 5.14 0.54
N PRO A 217 -13.79 6.34 0.65
CA PRO A 217 -15.25 6.34 0.65
C PRO A 217 -15.67 5.64 -0.67
N GLY A 218 -16.68 4.79 -0.59
CA GLY A 218 -17.08 4.07 -1.80
C GLY A 218 -16.40 2.70 -1.92
N TRP A 219 -15.44 2.41 -1.05
CA TRP A 219 -14.79 1.08 -1.01
C TRP A 219 -14.08 0.97 0.33
N LYS A 220 -14.88 0.73 1.37
CA LYS A 220 -14.36 0.64 2.72
C LYS A 220 -13.63 -0.65 3.07
N ASN A 221 -14.07 -1.71 2.43
CA ASN A 221 -13.61 -3.05 2.74
C ASN A 221 -13.60 -3.27 4.24
N ASP A 222 -14.74 -3.05 4.90
CA ASP A 222 -14.80 -3.28 6.34
C ASP A 222 -14.54 -4.74 6.69
N LYS A 223 -14.87 -5.64 5.78
CA LYS A 223 -14.67 -7.06 6.05
C LYS A 223 -13.22 -7.42 6.31
N ILE A 224 -12.32 -6.94 5.45
CA ILE A 224 -10.92 -7.28 5.66
C ILE A 224 -10.36 -6.50 6.84
N PHE A 225 -10.87 -5.28 7.05
CA PHE A 225 -10.41 -4.45 8.13
C PHE A 225 -10.73 -5.13 9.47
N GLU A 226 -11.95 -5.63 9.60
CA GLU A 226 -12.31 -6.31 10.84
C GLU A 226 -11.50 -7.58 11.09
N ALA A 227 -11.17 -8.34 10.03
CA ALA A 227 -10.36 -9.56 10.21
C ALA A 227 -8.95 -9.15 10.66
N CYS A 228 -8.42 -8.07 10.09
CA CYS A 228 -7.10 -7.62 10.50
C CYS A 228 -7.12 -7.13 11.96
N LYS A 229 -8.11 -6.31 12.32
CA LYS A 229 -8.19 -5.82 13.68
C LYS A 229 -8.26 -7.00 14.68
N LYS A 230 -8.99 -8.04 14.32
CA LYS A 230 -9.19 -9.24 15.15
C LYS A 230 -7.87 -9.93 15.47
N HIS A 231 -6.92 -9.81 14.55
CA HIS A 231 -5.61 -10.42 14.72
C HIS A 231 -4.49 -9.42 15.01
N GLY A 232 -4.86 -8.19 15.33
CA GLY A 232 -3.87 -7.18 15.65
C GLY A 232 -2.95 -6.79 14.49
N ILE A 233 -3.46 -6.89 13.27
CA ILE A 233 -2.68 -6.55 12.07
C ILE A 233 -3.05 -5.11 11.67
N HIS A 234 -2.03 -4.26 11.53
CA HIS A 234 -2.24 -2.87 11.14
C HIS A 234 -2.67 -2.79 9.70
N ILE A 235 -3.52 -1.82 9.38
CA ILE A 235 -3.98 -1.70 7.99
C ILE A 235 -3.57 -0.36 7.37
N THR A 236 -3.08 -0.43 6.14
CA THR A 236 -2.69 0.78 5.40
C THR A 236 -3.67 0.93 4.25
N ALA A 237 -4.27 2.12 4.09
CA ALA A 237 -5.21 2.37 3.00
C ALA A 237 -4.49 2.86 1.74
N TYR A 238 -4.54 2.09 0.64
CA TYR A 238 -3.97 2.59 -0.62
C TYR A 238 -5.10 3.21 -1.47
N SER A 239 -4.72 4.00 -2.48
CA SER A 239 -5.66 4.74 -3.32
C SER A 239 -6.68 5.47 -2.44
N PRO A 240 -6.18 6.20 -1.42
CA PRO A 240 -7.13 6.90 -0.54
C PRO A 240 -7.99 7.99 -1.16
N LEU A 241 -7.55 8.51 -2.31
CA LEU A 241 -8.32 9.56 -2.96
C LEU A 241 -9.15 8.96 -4.07
N GLY A 242 -9.15 7.62 -4.17
CA GLY A 242 -9.86 6.93 -5.24
C GLY A 242 -8.95 6.81 -6.47
N SER A 243 -7.65 7.01 -6.28
CA SER A 243 -6.64 6.98 -7.36
C SER A 243 -7.01 8.03 -8.39
N SER A 244 -6.53 7.91 -9.62
CA SER A 244 -6.91 8.89 -10.61
C SER A 244 -8.20 8.45 -11.26
N GLU A 245 -8.36 7.14 -11.43
CA GLU A 245 -9.52 6.59 -12.12
C GLU A 245 -10.88 6.89 -11.49
N LYS A 246 -10.93 6.85 -10.16
CA LYS A 246 -12.19 7.14 -9.46
C LYS A 246 -11.90 8.22 -8.45
N ASN A 247 -11.07 9.19 -8.83
CA ASN A 247 -10.69 10.25 -7.93
C ASN A 247 -11.92 10.91 -7.35
N LEU A 248 -11.84 11.11 -6.04
CA LEU A 248 -12.95 11.66 -5.28
C LEU A 248 -12.84 13.12 -4.90
N ALA A 249 -11.76 13.77 -5.34
CA ALA A 249 -11.59 15.18 -4.97
C ALA A 249 -12.70 16.07 -5.52
N HIS A 250 -13.34 15.66 -6.63
CA HIS A 250 -14.44 16.44 -7.19
C HIS A 250 -15.82 15.84 -6.90
N ASP A 251 -15.87 14.91 -5.97
CA ASP A 251 -17.16 14.29 -5.64
C ASP A 251 -17.94 15.29 -4.79
N PRO A 252 -19.21 15.55 -5.15
CA PRO A 252 -20.07 16.49 -4.42
C PRO A 252 -20.22 16.22 -2.92
N VAL A 253 -20.24 14.95 -2.53
CA VAL A 253 -20.40 14.64 -1.11
C VAL A 253 -19.13 15.08 -0.33
N VAL A 254 -17.97 14.78 -0.89
CA VAL A 254 -16.68 15.11 -0.31
C VAL A 254 -16.49 16.62 -0.35
N GLU A 255 -16.92 17.25 -1.45
CA GLU A 255 -16.81 18.71 -1.57
C GLU A 255 -17.62 19.42 -0.50
N LYS A 256 -18.80 18.89 -0.23
CA LYS A 256 -19.68 19.50 0.77
C LYS A 256 -19.02 19.49 2.15
N VAL A 257 -18.42 18.35 2.50
CA VAL A 257 -17.73 18.27 3.76
C VAL A 257 -16.52 19.22 3.77
N ALA A 258 -15.72 19.19 2.70
CA ALA A 258 -14.54 20.03 2.63
C ALA A 258 -14.87 21.51 2.79
N ASN A 259 -15.93 21.97 2.11
CA ASN A 259 -16.28 23.39 2.22
C ASN A 259 -16.67 23.83 3.63
N LYS A 260 -17.29 22.93 4.39
CA LYS A 260 -17.71 23.28 5.74
C LYS A 260 -16.55 23.30 6.70
N LEU A 261 -15.49 22.58 6.36
CA LEU A 261 -14.33 22.53 7.24
C LEU A 261 -13.20 23.43 6.76
N ASN A 262 -13.40 24.04 5.59
CA ASN A 262 -12.36 24.87 5.00
C ASN A 262 -11.09 24.06 4.81
N LYS A 263 -11.23 22.84 4.27
CA LYS A 263 -10.09 21.97 4.00
C LYS A 263 -10.22 21.56 2.55
N THR A 264 -9.16 21.04 1.95
CA THR A 264 -9.31 20.63 0.56
C THR A 264 -9.96 19.24 0.56
N PRO A 265 -10.57 18.87 -0.57
CA PRO A 265 -11.20 17.54 -0.64
C PRO A 265 -10.16 16.45 -0.42
N GLY A 266 -8.94 16.66 -0.92
CA GLY A 266 -7.92 15.64 -0.68
C GLY A 266 -7.63 15.50 0.82
N GLN A 267 -7.55 16.61 1.52
CA GLN A 267 -7.28 16.57 2.96
C GLN A 267 -8.42 15.82 3.67
N VAL A 268 -9.66 16.04 3.26
CA VAL A 268 -10.80 15.36 3.89
C VAL A 268 -10.68 13.83 3.62
N LEU A 269 -10.33 13.45 2.40
CA LEU A 269 -10.21 12.01 2.09
C LEU A 269 -9.08 11.36 2.90
N ILE A 270 -7.95 12.04 3.03
CA ILE A 270 -6.85 11.48 3.80
C ILE A 270 -7.19 11.44 5.32
N LYS A 271 -7.79 12.49 5.83
CA LYS A 271 -8.17 12.53 7.23
C LYS A 271 -9.22 11.43 7.54
N TRP A 272 -10.09 11.15 6.59
CA TRP A 272 -11.11 10.11 6.79
C TRP A 272 -10.39 8.78 7.10
N ALA A 273 -9.30 8.51 6.37
CA ALA A 273 -8.57 7.26 6.61
C ALA A 273 -7.98 7.24 8.03
N LEU A 274 -7.35 8.33 8.42
CA LEU A 274 -6.73 8.38 9.75
C LEU A 274 -7.82 8.21 10.81
N GLN A 275 -8.98 8.81 10.56
CA GLN A 275 -10.05 8.69 11.54
C GLN A 275 -10.56 7.27 11.65
N ARG A 276 -10.43 6.50 10.57
CA ARG A 276 -10.84 5.09 10.61
C ARG A 276 -9.79 4.24 11.32
N GLY A 277 -8.61 4.80 11.53
CA GLY A 277 -7.55 4.06 12.20
C GLY A 277 -6.57 3.32 11.28
N THR A 278 -6.49 3.72 10.02
CA THR A 278 -5.56 3.09 9.08
C THR A 278 -4.46 4.10 8.76
N SER A 279 -3.28 3.62 8.35
CA SER A 279 -2.27 4.55 7.87
C SER A 279 -2.75 4.84 6.45
N VAL A 280 -2.13 5.78 5.76
CA VAL A 280 -2.68 6.19 4.47
C VAL A 280 -1.53 6.69 3.60
N ILE A 281 -1.56 6.37 2.31
CA ILE A 281 -0.42 6.72 1.45
C ILE A 281 -0.78 7.43 0.17
N PRO A 282 -1.25 8.68 0.30
CA PRO A 282 -1.63 9.44 -0.88
C PRO A 282 -0.46 9.69 -1.83
N LYS A 283 -0.72 9.59 -3.13
CA LYS A 283 0.30 9.86 -4.14
C LYS A 283 0.07 11.18 -4.90
N SER A 284 1.13 11.97 -5.08
CA SER A 284 1.03 13.14 -5.97
C SER A 284 2.42 13.34 -6.52
N SER A 285 2.53 13.82 -7.75
CA SER A 285 3.83 14.13 -8.30
C SER A 285 4.01 15.66 -8.26
N LYS A 286 3.07 16.36 -7.61
CA LYS A 286 3.11 17.83 -7.50
C LYS A 286 3.53 18.29 -6.10
N ASP A 287 4.60 19.09 -6.00
CA ASP A 287 5.04 19.53 -4.67
C ASP A 287 3.92 20.17 -3.85
N GLU A 288 3.09 21.01 -4.48
CA GLU A 288 2.01 21.67 -3.75
C GLU A 288 1.05 20.67 -3.10
N ARG A 289 0.71 19.60 -3.81
CA ARG A 289 -0.20 18.60 -3.29
C ARG A 289 0.48 17.70 -2.28
N ILE A 290 1.77 17.42 -2.49
CA ILE A 290 2.48 16.60 -1.53
C ILE A 290 2.40 17.32 -0.17
N LYS A 291 2.61 18.64 -0.17
N LYS A 291 2.61 18.64 -0.17
CA LYS A 291 2.53 19.42 1.08
CA LYS A 291 2.53 19.42 1.06
C LYS A 291 1.09 19.44 1.59
C LYS A 291 1.10 19.43 1.58
N GLU A 292 0.14 19.70 0.70
CA GLU A 292 -1.29 19.74 1.04
C GLU A 292 -1.75 18.44 1.73
N ASN A 293 -1.30 17.33 1.18
CA ASN A 293 -1.75 16.01 1.66
C ASN A 293 -1.33 15.58 3.05
N ILE A 294 -0.39 16.29 3.64
CA ILE A 294 0.00 15.92 4.98
C ILE A 294 -0.49 16.92 6.02
N GLN A 295 -1.24 17.94 5.59
CA GLN A 295 -1.79 18.93 6.56
C GLN A 295 -3.10 18.37 7.11
N VAL A 296 -2.99 17.21 7.75
CA VAL A 296 -4.17 16.51 8.25
C VAL A 296 -4.14 16.22 9.73
N PHE A 297 -3.40 17.03 10.49
CA PHE A 297 -3.31 16.87 11.94
C PHE A 297 -3.76 18.18 12.60
N GLY A 298 -4.40 18.08 13.75
CA GLY A 298 -4.83 19.30 14.40
C GLY A 298 -6.26 19.70 14.08
N TRP A 299 -6.99 18.79 13.46
CA TRP A 299 -8.41 19.00 13.18
C TRP A 299 -9.04 17.64 12.91
N GLU A 300 -10.36 17.57 12.89
CA GLU A 300 -11.06 16.32 12.64
C GLU A 300 -12.30 16.53 11.80
N ILE A 301 -12.81 15.45 11.23
CA ILE A 301 -14.04 15.52 10.46
C ILE A 301 -15.15 15.25 11.50
N PRO A 302 -16.15 16.14 11.63
CA PRO A 302 -17.23 15.93 12.59
C PRO A 302 -17.90 14.56 12.30
N GLU A 303 -18.34 13.91 13.36
CA GLU A 303 -18.97 12.60 13.23
C GLU A 303 -20.08 12.50 12.19
N GLU A 304 -20.98 13.49 12.15
CA GLU A 304 -22.07 13.44 11.17
C GLU A 304 -21.52 13.42 9.74
N ASP A 305 -20.43 14.15 9.49
CA ASP A 305 -19.84 14.18 8.14
C ASP A 305 -19.04 12.91 7.89
N PHE A 306 -18.40 12.39 8.94
CA PHE A 306 -17.65 11.16 8.79
C PHE A 306 -18.63 10.06 8.39
N LYS A 307 -19.82 10.04 9.01
CA LYS A 307 -20.83 9.04 8.71
C LYS A 307 -21.38 9.17 7.28
N VAL A 308 -21.52 10.40 6.79
CA VAL A 308 -21.99 10.61 5.42
C VAL A 308 -20.99 10.00 4.45
N LEU A 309 -19.69 10.21 4.71
CA LEU A 309 -18.65 9.66 3.86
C LEU A 309 -18.69 8.15 3.92
N CYS A 310 -18.90 7.59 5.12
CA CYS A 310 -18.97 6.13 5.28
C CYS A 310 -20.20 5.52 4.59
N SER A 311 -21.23 6.33 4.39
CA SER A 311 -22.49 5.89 3.76
C SER A 311 -22.47 5.75 2.25
N ILE A 312 -21.47 6.33 1.62
CA ILE A 312 -21.34 6.20 0.19
C ILE A 312 -21.22 4.69 -0.08
N LYS A 313 -22.08 4.17 -0.93
CA LYS A 313 -22.09 2.73 -1.24
C LYS A 313 -20.77 2.16 -1.72
N ASP A 314 -20.43 0.97 -1.23
CA ASP A 314 -19.20 0.29 -1.60
C ASP A 314 -19.39 -0.38 -2.94
N GLU A 315 -18.80 0.21 -3.97
CA GLU A 315 -18.89 -0.35 -5.32
C GLU A 315 -17.84 0.29 -6.22
N LYS A 316 -17.26 1.38 -5.72
CA LYS A 316 -16.24 2.15 -6.41
C LYS A 316 -14.83 1.56 -6.31
N ARG A 317 -14.63 0.31 -6.75
CA ARG A 317 -13.29 -0.25 -6.62
C ARG A 317 -12.46 0.02 -7.85
N VAL A 318 -11.26 0.55 -7.62
CA VAL A 318 -10.34 0.89 -8.67
C VAL A 318 -9.55 -0.29 -9.16
N LEU A 319 -9.00 -1.08 -8.23
CA LEU A 319 -8.17 -2.21 -8.62
C LEU A 319 -8.81 -3.57 -8.33
N THR A 320 -9.36 -4.18 -9.38
CA THR A 320 -10.02 -5.46 -9.20
C THR A 320 -9.05 -6.58 -9.50
N GLY A 321 -7.94 -6.27 -10.16
CA GLY A 321 -6.99 -7.31 -10.50
C GLY A 321 -7.38 -8.08 -11.75
N GLU A 322 -8.48 -7.70 -12.41
CA GLU A 322 -8.92 -8.45 -13.61
C GLU A 322 -7.90 -8.41 -14.75
N GLU A 323 -7.25 -7.25 -15.00
CA GLU A 323 -6.29 -7.21 -16.10
C GLU A 323 -5.00 -7.94 -15.79
N LEU A 324 -4.79 -8.24 -14.52
CA LEU A 324 -3.59 -8.96 -14.13
C LEU A 324 -3.79 -10.46 -14.03
N PHE A 325 -4.98 -10.88 -13.55
CA PHE A 325 -5.15 -12.32 -13.25
C PHE A 325 -6.32 -13.07 -13.85
N VAL A 326 -7.20 -12.37 -14.52
CA VAL A 326 -8.38 -13.05 -15.05
C VAL A 326 -8.28 -13.44 -16.52
N ASN A 327 -8.55 -14.71 -16.83
CA ASN A 327 -8.61 -15.18 -18.21
C ASN A 327 -9.94 -15.98 -18.15
N LYS A 328 -11.02 -15.41 -18.66
CA LYS A 328 -12.27 -16.15 -18.51
C LYS A 328 -12.35 -17.41 -19.39
N THR A 329 -11.60 -17.45 -20.48
CA THR A 329 -11.65 -18.59 -21.37
C THR A 329 -10.99 -19.84 -20.78
N HIS A 330 -9.85 -19.64 -20.12
CA HIS A 330 -9.08 -20.78 -19.59
C HIS A 330 -8.88 -20.83 -18.07
N GLY A 331 -9.17 -19.74 -17.38
CA GLY A 331 -8.92 -19.72 -15.95
C GLY A 331 -7.43 -19.53 -15.67
N PRO A 332 -6.99 -19.78 -14.42
CA PRO A 332 -7.78 -20.22 -13.27
C PRO A 332 -8.77 -19.23 -12.64
N TYR A 333 -8.65 -17.96 -12.96
CA TYR A 333 -9.59 -16.97 -12.39
C TYR A 333 -10.43 -16.44 -13.54
N ARG A 334 -11.74 -16.59 -13.44
CA ARG A 334 -12.65 -16.21 -14.55
C ARG A 334 -13.43 -14.92 -14.34
N SER A 335 -13.22 -14.25 -13.21
CA SER A 335 -13.92 -13.02 -12.89
C SER A 335 -13.23 -12.37 -11.70
N ALA A 336 -13.57 -11.12 -11.44
CA ALA A 336 -13.00 -10.43 -10.30
C ALA A 336 -13.42 -11.18 -9.02
N ARG A 337 -14.64 -11.72 -8.97
CA ARG A 337 -15.05 -12.43 -7.76
C ARG A 337 -14.12 -13.60 -7.48
N ASP A 338 -13.64 -14.28 -8.52
CA ASP A 338 -12.73 -15.39 -8.29
C ASP A 338 -11.42 -14.88 -7.65
N VAL A 339 -10.97 -13.70 -8.07
CA VAL A 339 -9.74 -13.12 -7.52
C VAL A 339 -9.91 -12.80 -6.03
N TRP A 340 -11.10 -12.37 -5.63
CA TRP A 340 -11.37 -11.99 -4.24
C TRP A 340 -12.09 -13.05 -3.39
N ASP A 341 -12.05 -14.30 -3.85
CA ASP A 341 -12.64 -15.43 -3.12
C ASP A 341 -14.10 -15.21 -2.76
N HIS A 342 -14.80 -14.53 -3.67
CA HIS A 342 -16.22 -14.24 -3.52
C HIS A 342 -16.56 -13.59 -2.20
N GLU A 343 -15.64 -12.75 -1.70
CA GLU A 343 -15.86 -12.07 -0.44
C GLU A 343 -16.35 -10.64 -0.61
N ASN A 344 -16.32 -10.12 -1.82
CA ASN A 344 -16.77 -8.75 -2.08
C ASN A 344 -17.05 -8.55 -3.58
PA NDP B . -4.29 8.25 -4.69
O1A NDP B . -5.61 7.78 -4.13
O2A NDP B . -3.24 8.75 -3.77
O5B NDP B . -4.72 9.29 -5.85
C5B NDP B . -3.67 9.84 -6.71
C4B NDP B . -4.34 10.72 -7.75
O4B NDP B . -4.86 11.88 -7.06
C3B NDP B . -3.39 11.30 -8.78
O3B NDP B . -4.15 11.43 -10.00
C2B NDP B . -2.99 12.64 -8.20
O2B NDP B . -2.57 13.49 -9.25
C1B NDP B . -4.26 13.10 -7.53
N9A NDP B . -4.11 13.86 -6.31
C8A NDP B . -3.11 13.73 -5.34
N7A NDP B . -3.28 14.57 -4.33
C5A NDP B . -4.41 15.26 -4.65
C6A NDP B . -5.16 16.28 -3.98
N6A NDP B . -4.79 16.78 -2.77
N1A NDP B . -6.27 16.76 -4.61
C2A NDP B . -6.67 16.27 -5.80
N3A NDP B . -6.05 15.28 -6.53
C4A NDP B . -4.93 14.83 -5.88
O3 NDP B . -3.66 7.20 -5.70
PN NDP B . -2.82 5.87 -5.83
O1N NDP B . -1.53 6.23 -6.43
O2N NDP B . -3.74 4.93 -6.53
O5D NDP B . -2.63 5.30 -4.36
C5D NDP B . -1.65 5.81 -3.46
C4D NDP B . -0.51 4.86 -3.31
O4D NDP B . -0.96 3.59 -2.82
C3D NDP B . 0.25 4.48 -4.59
O3D NDP B . 1.01 5.52 -5.17
C2D NDP B . 1.03 3.25 -4.11
O2D NDP B . 2.19 3.72 -3.41
C1D NDP B . -0.07 2.55 -3.25
N1N NDP B . -0.88 1.55 -4.05
C2N NDP B . -0.69 0.19 -3.77
C3N NDP B . -1.39 -0.79 -4.49
C7N NDP B . -1.23 -2.23 -4.20
O7N NDP B . -1.73 -3.07 -4.99
N7N NDP B . -0.60 -2.54 -3.07
C4N NDP B . -2.31 -0.39 -5.52
C5N NDP B . -2.50 0.99 -5.79
C6N NDP B . -1.81 1.94 -5.06
P2B NDP B . -1.16 14.26 -9.17
O1X NDP B . -0.03 13.28 -9.00
O2X NDP B . -1.18 14.97 -10.52
O3X NDP B . -1.25 15.21 -8.00
C BCT C . -0.53 -1.71 -7.76
O1 BCT C . -1.10 -2.84 -7.73
O2 BCT C . -0.66 -0.87 -8.73
O3 BCT C . 0.16 -1.41 -6.75
S SO4 D . -13.25 -14.61 10.18
O1 SO4 D . -12.34 -13.55 10.32
O2 SO4 D . -13.78 -15.08 11.48
O3 SO4 D . -12.70 -15.78 9.63
O4 SO4 D . -14.44 -14.16 9.56
S SO4 E . 18.38 1.13 12.44
O1 SO4 E . 19.41 1.37 13.35
O2 SO4 E . 17.03 1.35 13.02
O3 SO4 E . 18.32 -0.21 11.99
O4 SO4 E . 18.40 2.10 11.41
#